data_9FIW
#
_entry.id   9FIW
#
_cell.length_a   127.625
_cell.length_b   127.625
_cell.length_c   75.080
_cell.angle_alpha   90.00
_cell.angle_beta   90.00
_cell.angle_gamma   120.00
#
_symmetry.space_group_name_H-M   'P 64'
#
loop_
_entity.id
_entity.type
_entity.pdbx_description
1 polymer 'Low-density lipoprotein receptor-related protein 6'
2 polymer 'AP-2 complex subunit mu'
#
loop_
_entity_poly.entity_id
_entity_poly.type
_entity_poly.pdbx_seq_one_letter_code
_entity_poly.pdbx_strand_id
1 'polypeptide(L)' SYRPYA A
2 'polypeptide(L)'
;MHHHHHHMQIGWRREGIKYRRNELFLDVLESVNLLMSPQGQVLSAHVSGRVVMKSYLSGMPECKFGMNDKIVIEKQGKGT
ADETSKSGKQSIAIDDCTFHQCVRLSKFDSERSISFIPPDGEFELMRYRTTKDIILPFRVIPLVREVGRTKLEVKVVIKS
NFKPSLLAQKIEVRIPTPLNTSGVQVICMKGKAKYKASENAIVWKIKRMAGMKESQISAEIELLPTNDKKKWARPPISMN
FEVPFAPSGLKVRYLKVFEPKLNYSDHDVIKWVRYIGRSGIYETRC
;
M
#
# COMPACT_ATOMS: atom_id res chain seq x y z
N SER A 1 -7.35 9.38 -6.29
CA SER A 1 -7.77 9.16 -7.71
C SER A 1 -7.49 10.45 -8.50
N TYR A 2 -6.49 11.17 -7.97
CA TYR A 2 -5.99 12.43 -8.49
C TYR A 2 -6.79 13.50 -7.76
N ARG A 3 -6.05 14.27 -6.95
CA ARG A 3 -6.62 15.32 -6.13
C ARG A 3 -6.02 16.62 -6.66
N PRO A 4 -6.82 17.71 -6.86
CA PRO A 4 -6.26 18.98 -7.31
C PRO A 4 -5.10 19.32 -6.39
N TYR A 5 -4.00 19.81 -6.96
CA TYR A 5 -2.83 20.24 -6.20
C TYR A 5 -2.54 21.70 -6.52
N ALA A 6 -2.70 22.08 -7.80
CA ALA A 6 -2.93 23.44 -8.28
C ALA A 6 -3.82 24.23 -7.31
N ILE B 10 21.28 17.62 -23.47
CA ILE B 10 20.13 16.96 -22.79
C ILE B 10 19.54 15.93 -23.75
N GLY B 11 19.89 14.66 -23.55
CA GLY B 11 19.65 13.61 -24.53
C GLY B 11 18.41 12.77 -24.18
N TRP B 12 17.60 13.27 -23.25
CA TRP B 12 16.37 12.62 -22.82
C TRP B 12 15.13 13.45 -23.22
N ARG B 13 15.32 14.67 -23.77
CA ARG B 13 14.21 15.54 -24.14
C ARG B 13 14.59 16.53 -25.26
N ARG B 14 13.80 16.54 -26.36
CA ARG B 14 13.99 17.46 -27.48
C ARG B 14 13.59 18.90 -27.14
N GLU B 15 13.75 19.85 -28.08
CA GLU B 15 13.83 21.26 -27.69
C GLU B 15 12.54 22.05 -28.00
N GLY B 16 11.77 21.61 -29.01
CA GLY B 16 10.61 22.38 -29.47
C GLY B 16 9.26 21.75 -29.14
N ILE B 17 8.91 21.62 -27.85
CA ILE B 17 7.72 20.90 -27.46
C ILE B 17 6.66 21.92 -27.05
N LYS B 18 5.41 21.72 -27.51
CA LYS B 18 4.35 22.69 -27.23
C LYS B 18 3.01 22.03 -26.88
N TYR B 19 2.29 22.67 -25.94
CA TYR B 19 1.02 22.16 -25.44
C TYR B 19 0.14 23.35 -25.06
N ARG B 20 -1.10 23.35 -25.56
CA ARG B 20 -2.12 24.33 -25.20
C ARG B 20 -2.45 24.21 -23.72
N ARG B 21 -2.56 22.96 -23.25
CA ARG B 21 -2.94 22.66 -21.89
C ARG B 21 -1.71 22.07 -21.19
N ASN B 22 -1.08 22.84 -20.28
CA ASN B 22 0.14 22.41 -19.60
C ASN B 22 -0.18 21.75 -18.27
N GLU B 23 0.02 20.43 -18.21
CA GLU B 23 -0.54 19.62 -17.14
C GLU B 23 0.47 18.55 -16.75
N LEU B 24 0.58 18.28 -15.43
CA LEU B 24 1.34 17.14 -14.95
C LEU B 24 0.52 16.37 -13.92
N PHE B 25 0.92 15.11 -13.76
CA PHE B 25 0.33 14.16 -12.82
C PHE B 25 1.46 13.48 -12.03
N LEU B 26 1.31 13.46 -10.69
CA LEU B 26 2.23 12.71 -9.84
C LEU B 26 1.52 11.53 -9.19
N ASP B 27 2.20 10.38 -9.23
CA ASP B 27 1.80 9.16 -8.54
C ASP B 27 2.85 8.78 -7.50
N VAL B 28 2.44 8.70 -6.22
CA VAL B 28 3.29 8.15 -5.18
C VAL B 28 2.84 6.72 -4.91
N LEU B 29 3.70 5.74 -5.26
CA LEU B 29 3.31 4.34 -5.20
C LEU B 29 4.19 3.60 -4.21
N GLU B 30 3.55 3.01 -3.18
CA GLU B 30 4.25 2.39 -2.06
C GLU B 30 3.69 1.00 -1.77
N SER B 31 4.62 0.06 -1.53
CA SER B 31 4.30 -1.25 -0.98
C SER B 31 4.65 -1.29 0.52
N VAL B 32 3.71 -1.69 1.40
CA VAL B 32 3.98 -1.76 2.83
C VAL B 32 4.02 -3.19 3.37
N ASN B 33 5.13 -3.56 4.05
CA ASN B 33 5.42 -4.90 4.53
C ASN B 33 5.52 -5.01 6.07
N LEU B 34 4.91 -6.07 6.63
CA LEU B 34 4.77 -6.27 8.06
C LEU B 34 4.90 -7.74 8.48
N LEU B 35 5.64 -7.98 9.56
CA LEU B 35 5.53 -9.23 10.30
C LEU B 35 5.22 -8.95 11.77
N MET B 36 4.09 -9.47 12.26
CA MET B 36 3.65 -9.21 13.63
C MET B 36 3.49 -10.52 14.41
N SER B 37 3.92 -10.51 15.69
CA SER B 37 3.74 -11.62 16.62
C SER B 37 2.27 -11.79 17.03
N PRO B 38 1.88 -12.87 17.74
CA PRO B 38 0.49 -13.08 18.14
C PRO B 38 0.02 -12.14 19.25
N GLN B 39 0.99 -11.65 20.05
CA GLN B 39 0.82 -10.62 21.07
C GLN B 39 0.39 -9.27 20.49
N GLY B 40 1.08 -8.84 19.42
CA GLY B 40 0.90 -7.50 18.87
C GLY B 40 2.23 -6.75 18.77
N GLN B 41 3.36 -7.45 18.86
CA GLN B 41 4.67 -6.82 18.66
C GLN B 41 4.96 -6.79 17.16
N VAL B 42 5.57 -5.70 16.71
CA VAL B 42 6.05 -5.61 15.36
C VAL B 42 7.42 -6.25 15.34
N LEU B 43 7.60 -7.41 14.68
CA LEU B 43 8.90 -8.05 14.52
C LEU B 43 9.74 -7.41 13.39
N SER B 44 9.06 -6.83 12.39
CA SER B 44 9.69 -6.35 11.16
C SER B 44 8.72 -5.51 10.36
N ALA B 45 9.18 -4.39 9.81
CA ALA B 45 8.32 -3.57 8.96
C ALA B 45 9.11 -2.61 8.09
N HIS B 46 8.64 -2.41 6.85
CA HIS B 46 9.31 -1.51 5.92
C HIS B 46 8.38 -1.06 4.78
N VAL B 47 8.78 0.02 4.12
CA VAL B 47 8.10 0.52 2.93
C VAL B 47 9.09 0.71 1.77
N SER B 48 8.71 0.18 0.59
CA SER B 48 9.37 0.49 -0.68
C SER B 48 8.41 1.36 -1.47
N GLY B 49 8.95 2.46 -2.02
CA GLY B 49 8.15 3.45 -2.73
C GLY B 49 8.86 4.05 -3.96
N ARG B 50 8.05 4.53 -4.91
CA ARG B 50 8.58 5.22 -6.07
C ARG B 50 7.57 6.30 -6.42
N VAL B 51 8.13 7.41 -6.95
CA VAL B 51 7.38 8.54 -7.50
C VAL B 51 7.47 8.50 -9.02
N VAL B 52 6.30 8.53 -9.66
CA VAL B 52 6.23 8.55 -11.12
C VAL B 52 5.56 9.85 -11.54
N MET B 53 6.12 10.47 -12.58
CA MET B 53 5.62 11.73 -13.08
C MET B 53 5.08 11.55 -14.49
N LYS B 54 3.94 12.21 -14.78
CA LYS B 54 3.47 12.35 -16.15
C LYS B 54 3.27 13.83 -16.48
N SER B 55 4.13 14.32 -17.40
CA SER B 55 4.32 15.75 -17.68
C SER B 55 3.98 16.02 -19.15
N TYR B 56 3.01 16.93 -19.37
CA TYR B 56 2.74 17.49 -20.69
C TYR B 56 3.00 19.00 -20.60
N LEU B 57 4.30 19.38 -20.76
CA LEU B 57 4.75 20.74 -20.45
C LEU B 57 5.49 21.35 -21.64
N SER B 58 5.23 22.65 -21.82
CA SER B 58 5.74 23.41 -22.95
C SER B 58 7.17 23.86 -22.68
N GLY B 59 8.09 23.37 -23.53
CA GLY B 59 9.37 24.00 -23.75
C GLY B 59 10.53 23.10 -23.34
N MET B 60 11.33 23.63 -22.39
CA MET B 60 12.29 22.89 -21.60
C MET B 60 12.21 23.41 -20.16
N PRO B 61 11.30 22.93 -19.28
CA PRO B 61 11.09 23.59 -18.00
C PRO B 61 11.91 23.05 -16.81
N GLU B 62 12.12 23.95 -15.84
CA GLU B 62 12.92 23.69 -14.66
C GLU B 62 11.92 23.46 -13.54
N CYS B 63 11.67 22.17 -13.22
CA CYS B 63 10.76 21.80 -12.14
C CYS B 63 11.56 21.50 -10.89
N LYS B 64 10.96 21.85 -9.73
CA LYS B 64 11.49 21.59 -8.40
C LYS B 64 10.45 20.83 -7.55
N PHE B 65 10.83 19.65 -7.02
CA PHE B 65 9.93 18.74 -6.31
C PHE B 65 10.25 18.72 -4.81
N GLY B 66 9.25 18.97 -3.96
CA GLY B 66 9.46 19.02 -2.52
C GLY B 66 8.42 18.24 -1.71
N MET B 67 8.91 17.35 -0.84
CA MET B 67 8.08 16.59 0.08
C MET B 67 8.56 16.78 1.52
N ASN B 68 7.81 16.25 2.49
CA ASN B 68 8.07 16.44 3.90
C ASN B 68 9.22 15.55 4.39
N ASP B 69 10.44 15.86 3.93
CA ASP B 69 11.55 14.91 3.93
C ASP B 69 12.63 15.40 4.89
N LYS B 70 12.27 15.54 6.18
CA LYS B 70 13.22 15.71 7.28
C LYS B 70 12.44 16.02 8.57
N SER B 91 6.49 15.56 9.03
CA SER B 91 7.79 15.32 8.34
C SER B 91 8.38 13.97 8.74
N ILE B 92 8.78 13.16 7.74
CA ILE B 92 9.13 11.74 7.90
C ILE B 92 10.57 11.47 7.45
N ALA B 93 11.03 10.23 7.61
CA ALA B 93 12.45 9.91 7.64
C ALA B 93 12.82 8.84 6.60
N ILE B 94 13.51 9.27 5.55
CA ILE B 94 13.89 8.40 4.45
C ILE B 94 15.25 7.72 4.68
N ASP B 95 15.28 6.38 4.58
CA ASP B 95 16.50 5.62 4.86
C ASP B 95 17.45 5.57 3.65
N ASP B 96 16.96 5.66 2.40
CA ASP B 96 17.85 5.83 1.26
C ASP B 96 17.04 5.91 -0.03
N CYS B 97 17.67 6.44 -1.11
CA CYS B 97 16.97 6.58 -2.38
C CYS B 97 17.87 6.99 -3.55
N THR B 98 17.77 6.26 -4.68
CA THR B 98 18.29 6.62 -5.99
C THR B 98 17.32 7.53 -6.76
N PHE B 99 17.84 8.18 -7.82
CA PHE B 99 17.10 9.12 -8.67
C PHE B 99 17.39 8.94 -10.17
N HIS B 100 16.55 9.60 -11.01
CA HIS B 100 16.68 9.57 -12.46
C HIS B 100 17.83 10.48 -12.89
N GLN B 101 18.51 10.05 -13.96
CA GLN B 101 19.52 10.85 -14.66
C GLN B 101 19.26 12.36 -14.50
N CYS B 102 18.05 12.80 -14.84
CA CYS B 102 17.78 14.23 -15.00
C CYS B 102 17.84 14.98 -13.67
N VAL B 103 18.13 14.31 -12.55
CA VAL B 103 18.09 14.99 -11.27
C VAL B 103 19.48 15.53 -10.97
N ARG B 104 19.51 16.81 -10.58
CA ARG B 104 20.73 17.50 -10.20
C ARG B 104 20.76 17.57 -8.67
N LEU B 105 21.87 17.12 -8.06
CA LEU B 105 21.86 16.59 -6.70
C LEU B 105 22.14 17.69 -5.66
N SER B 106 21.17 17.86 -4.75
CA SER B 106 21.08 18.92 -3.75
C SER B 106 20.45 20.19 -4.36
N ARG B 112 18.57 21.15 0.83
CA ARG B 112 18.35 20.39 -0.42
C ARG B 112 16.84 20.36 -0.74
N SER B 113 16.51 20.59 -2.03
CA SER B 113 15.29 20.11 -2.66
C SER B 113 15.66 19.63 -4.07
N ILE B 114 14.84 18.74 -4.64
CA ILE B 114 15.20 18.02 -5.85
C ILE B 114 14.95 18.95 -7.04
N SER B 115 15.76 18.84 -8.10
CA SER B 115 15.70 19.79 -9.21
C SER B 115 16.08 19.12 -10.53
N PHE B 116 15.27 19.39 -11.57
CA PHE B 116 15.36 18.65 -12.83
C PHE B 116 14.57 19.34 -13.95
N ILE B 117 15.01 19.00 -15.18
CA ILE B 117 14.29 19.19 -16.42
C ILE B 117 13.75 17.83 -16.85
N PRO B 118 12.43 17.61 -16.75
CA PRO B 118 11.91 16.27 -16.97
C PRO B 118 11.92 15.84 -18.42
N PRO B 119 12.03 14.53 -18.71
CA PRO B 119 11.63 13.99 -20.01
C PRO B 119 10.13 14.19 -20.20
N ASP B 120 9.68 14.09 -21.45
CA ASP B 120 8.28 14.29 -21.77
C ASP B 120 7.55 12.96 -21.59
N GLY B 121 6.26 13.04 -21.20
CA GLY B 121 5.47 11.86 -20.90
C GLY B 121 5.74 11.36 -19.48
N GLU B 122 5.80 10.02 -19.37
CA GLU B 122 5.83 9.28 -18.11
C GLU B 122 7.25 8.83 -17.78
N PHE B 123 7.73 9.04 -16.55
CA PHE B 123 9.01 8.48 -16.14
C PHE B 123 9.12 8.34 -14.60
N GLU B 124 10.17 7.62 -14.16
CA GLU B 124 10.45 7.38 -12.75
C GLU B 124 11.39 8.46 -12.20
N LEU B 125 10.87 9.30 -11.30
CA LEU B 125 11.65 10.38 -10.70
C LEU B 125 12.53 9.81 -9.58
N MET B 126 11.98 9.00 -8.64
CA MET B 126 12.79 8.44 -7.57
C MET B 126 12.26 7.10 -7.05
N ARG B 127 13.15 6.40 -6.34
CA ARG B 127 12.86 5.15 -5.62
C ARG B 127 13.28 5.38 -4.16
N TYR B 128 12.67 4.73 -3.16
CA TYR B 128 13.06 4.99 -1.77
C TYR B 128 12.59 3.89 -0.81
N ARG B 129 13.15 3.93 0.41
CA ARG B 129 12.76 2.94 1.45
C ARG B 129 12.59 3.67 2.79
N THR B 130 11.73 3.14 3.68
CA THR B 130 11.46 3.80 5.00
C THR B 130 11.03 2.74 6.01
N THR B 131 11.45 2.87 7.27
CA THR B 131 11.13 1.85 8.31
C THR B 131 10.56 2.50 9.58
N LYS B 132 11.03 3.70 9.93
CA LYS B 132 10.57 4.37 11.14
C LYS B 132 9.19 5.00 10.91
N ASP B 133 8.27 4.82 11.85
CA ASP B 133 7.08 5.65 11.98
C ASP B 133 6.03 5.31 10.92
N ILE B 134 5.96 4.03 10.53
CA ILE B 134 5.08 3.58 9.45
C ILE B 134 3.64 3.52 9.91
N ILE B 135 2.68 4.08 9.16
CA ILE B 135 1.29 3.76 9.42
C ILE B 135 0.98 2.36 8.90
N LEU B 136 0.49 1.48 9.79
CA LEU B 136 0.03 0.16 9.45
C LEU B 136 -1.50 0.18 9.25
N PRO B 137 -2.01 0.21 8.00
CA PRO B 137 -3.44 0.41 7.75
C PRO B 137 -4.37 -0.58 8.43
N PHE B 138 -3.91 -1.81 8.73
CA PHE B 138 -4.81 -2.80 9.30
C PHE B 138 -4.14 -3.55 10.46
N ARG B 139 -4.97 -3.81 11.48
CA ARG B 139 -4.61 -4.62 12.62
C ARG B 139 -5.47 -5.88 12.54
N VAL B 140 -4.84 -7.04 12.75
CA VAL B 140 -5.50 -8.34 12.63
C VAL B 140 -5.44 -9.04 13.97
N ILE B 141 -6.60 -9.47 14.50
CA ILE B 141 -6.63 -10.02 15.85
C ILE B 141 -7.24 -11.41 15.80
N PRO B 142 -6.42 -12.46 15.82
CA PRO B 142 -6.91 -13.84 15.70
C PRO B 142 -7.18 -14.48 17.04
N LEU B 143 -8.17 -15.38 17.06
CA LEU B 143 -8.41 -16.22 18.21
C LEU B 143 -8.69 -17.65 17.73
N VAL B 144 -8.08 -18.65 18.38
CA VAL B 144 -8.19 -20.06 17.99
C VAL B 144 -8.41 -20.95 19.22
N ARG B 145 -9.40 -21.86 19.14
CA ARG B 145 -9.69 -22.81 20.19
C ARG B 145 -9.88 -24.23 19.61
N GLU B 146 -9.25 -25.21 20.29
CA GLU B 146 -9.36 -26.61 19.96
C GLU B 146 -10.52 -27.23 20.73
N VAL B 147 -11.16 -28.22 20.13
CA VAL B 147 -12.34 -28.85 20.66
C VAL B 147 -12.17 -30.36 20.48
N GLY B 148 -11.69 -30.98 21.56
CA GLY B 148 -11.25 -32.35 21.48
C GLY B 148 -10.26 -32.51 20.34
N ARG B 149 -10.56 -33.44 19.43
CA ARG B 149 -9.65 -33.74 18.34
C ARG B 149 -10.45 -33.58 17.04
N THR B 150 -11.65 -32.99 17.16
CA THR B 150 -12.69 -33.08 16.15
C THR B 150 -12.98 -31.74 15.43
N LYS B 151 -12.89 -30.58 16.13
CA LYS B 151 -13.17 -29.27 15.53
C LYS B 151 -12.13 -28.22 15.95
N LEU B 152 -11.87 -27.23 15.08
CA LEU B 152 -11.19 -25.99 15.45
C LEU B 152 -12.16 -24.82 15.40
N GLU B 153 -12.07 -23.91 16.37
CA GLU B 153 -12.88 -22.69 16.36
C GLU B 153 -11.98 -21.49 16.06
N VAL B 154 -12.34 -20.66 15.07
CA VAL B 154 -11.51 -19.53 14.69
C VAL B 154 -12.37 -18.28 14.51
N LYS B 155 -11.93 -17.20 15.18
CA LYS B 155 -12.50 -15.87 15.02
C LYS B 155 -11.34 -14.94 14.68
N VAL B 156 -11.53 -14.15 13.61
CA VAL B 156 -10.54 -13.16 13.21
C VAL B 156 -11.22 -11.80 13.11
N VAL B 157 -10.57 -10.77 13.67
CA VAL B 157 -11.09 -9.40 13.65
C VAL B 157 -10.06 -8.53 12.93
N ILE B 158 -10.55 -7.75 11.97
CA ILE B 158 -9.72 -6.75 11.31
C ILE B 158 -10.20 -5.37 11.78
N LYS B 159 -9.26 -4.46 12.07
CA LYS B 159 -9.58 -3.06 12.36
C LYS B 159 -8.88 -2.14 11.37
N SER B 160 -9.61 -1.20 10.78
CA SER B 160 -8.95 -0.23 9.91
C SER B 160 -8.47 1.01 10.68
N ASN B 161 -7.30 1.54 10.28
CA ASN B 161 -6.60 2.54 11.06
C ASN B 161 -6.15 3.74 10.22
N PHE B 162 -7.11 4.59 9.85
CA PHE B 162 -6.82 5.78 9.04
C PHE B 162 -8.06 6.67 9.04
N LYS B 163 -7.96 7.88 8.47
CA LYS B 163 -9.07 8.83 8.50
C LYS B 163 -10.35 8.15 8.01
N PRO B 164 -11.51 8.29 8.68
CA PRO B 164 -12.80 7.82 8.13
C PRO B 164 -13.26 8.35 6.77
N SER B 165 -12.64 9.43 6.28
CA SER B 165 -13.05 10.01 5.01
C SER B 165 -12.52 9.16 3.84
N LEU B 166 -11.63 8.19 4.14
CA LEU B 166 -10.96 7.38 3.14
C LEU B 166 -11.42 5.92 3.19
N LEU B 167 -11.47 5.32 1.99
CA LEU B 167 -11.86 3.93 1.77
C LEU B 167 -10.68 3.05 1.35
N ALA B 168 -10.45 1.96 2.08
CA ALA B 168 -9.61 0.88 1.55
C ALA B 168 -10.45 0.10 0.57
N GLN B 169 -9.79 -0.50 -0.42
CA GLN B 169 -10.46 -1.44 -1.30
C GLN B 169 -9.57 -2.63 -1.65
N LYS B 170 -10.23 -3.67 -2.21
CA LYS B 170 -9.64 -4.91 -2.67
C LYS B 170 -9.06 -5.67 -1.47
N ILE B 171 -9.89 -5.96 -0.46
CA ILE B 171 -9.40 -6.51 0.79
C ILE B 171 -9.57 -8.03 0.76
N GLU B 172 -8.46 -8.74 0.96
CA GLU B 172 -8.45 -10.18 1.17
C GLU B 172 -7.85 -10.52 2.54
N VAL B 173 -8.52 -11.42 3.28
CA VAL B 173 -7.97 -12.00 4.49
C VAL B 173 -7.86 -13.49 4.22
N ARG B 174 -6.64 -14.01 4.34
CA ARG B 174 -6.38 -15.45 4.08
C ARG B 174 -6.09 -16.16 5.40
N ILE B 175 -6.92 -17.16 5.74
CA ILE B 175 -6.75 -17.94 6.97
C ILE B 175 -6.42 -19.39 6.61
N PRO B 176 -5.25 -19.91 7.05
CA PRO B 176 -4.82 -21.25 6.67
C PRO B 176 -5.49 -22.32 7.50
N THR B 177 -5.75 -23.47 6.86
CA THR B 177 -6.36 -24.65 7.49
C THR B 177 -5.40 -25.84 7.47
N PRO B 178 -5.41 -26.70 8.52
CA PRO B 178 -4.69 -27.99 8.54
C PRO B 178 -4.92 -28.91 7.35
N LEU B 179 -4.01 -29.87 7.14
CA LEU B 179 -4.10 -30.77 5.98
C LEU B 179 -5.15 -31.86 6.23
N ASN B 180 -5.41 -32.19 7.51
CA ASN B 180 -6.48 -33.12 7.87
C ASN B 180 -7.86 -32.44 7.97
N THR B 181 -8.12 -31.41 7.16
CA THR B 181 -9.36 -30.66 7.23
C THR B 181 -10.41 -31.38 6.38
N SER B 182 -11.53 -31.77 6.99
CA SER B 182 -12.57 -32.45 6.26
C SER B 182 -13.64 -31.49 5.71
N GLY B 183 -13.85 -30.33 6.34
CA GLY B 183 -14.87 -29.39 5.89
C GLY B 183 -14.82 -28.10 6.70
N VAL B 184 -15.46 -27.02 6.20
CA VAL B 184 -15.36 -25.72 6.85
C VAL B 184 -16.67 -24.93 6.75
N GLN B 185 -17.15 -24.44 7.92
CA GLN B 185 -18.27 -23.51 8.01
C GLN B 185 -17.76 -22.10 8.38
N VAL B 186 -18.29 -21.07 7.70
CA VAL B 186 -17.99 -19.70 8.07
C VAL B 186 -19.27 -18.87 8.19
N ILE B 187 -19.28 -17.89 9.10
CA ILE B 187 -20.26 -16.82 9.05
C ILE B 187 -19.52 -15.50 8.97
N CYS B 188 -19.97 -14.60 8.07
CA CYS B 188 -19.46 -13.23 8.03
C CYS B 188 -20.52 -12.22 7.58
N MET B 189 -20.76 -11.23 8.45
CA MET B 189 -21.75 -10.18 8.22
C MET B 189 -21.34 -9.22 7.11
N LYS B 190 -20.04 -8.99 6.88
CA LYS B 190 -19.58 -8.20 5.74
C LYS B 190 -18.71 -9.06 4.82
N GLY B 191 -18.86 -8.87 3.50
CA GLY B 191 -18.02 -9.52 2.51
C GLY B 191 -18.50 -10.92 2.12
N LYS B 192 -17.61 -11.70 1.48
CA LYS B 192 -17.87 -13.08 1.09
C LYS B 192 -16.62 -13.93 1.34
N ALA B 193 -16.83 -15.20 1.74
CA ALA B 193 -15.73 -16.09 2.06
C ALA B 193 -16.02 -17.52 1.60
N LYS B 194 -15.10 -18.10 0.82
CA LYS B 194 -15.15 -19.50 0.42
C LYS B 194 -13.92 -20.21 1.01
N TYR B 195 -14.06 -21.51 1.33
CA TYR B 195 -12.95 -22.39 1.67
C TYR B 195 -12.38 -22.91 0.37
N LYS B 196 -11.05 -22.85 0.21
CA LYS B 196 -10.40 -23.27 -1.02
C LYS B 196 -9.52 -24.48 -0.70
N ALA B 197 -10.02 -25.69 -0.98
CA ALA B 197 -9.40 -26.91 -0.45
C ALA B 197 -8.04 -27.21 -1.08
N SER B 198 -7.92 -26.98 -2.41
CA SER B 198 -6.65 -27.03 -3.11
C SER B 198 -5.57 -26.23 -2.37
N GLU B 199 -5.88 -24.99 -1.95
CA GLU B 199 -4.89 -24.05 -1.42
C GLU B 199 -4.79 -24.15 0.11
N ASN B 200 -5.58 -25.02 0.74
CA ASN B 200 -5.58 -25.20 2.18
C ASN B 200 -5.73 -23.89 2.94
N ALA B 201 -6.77 -23.10 2.58
CA ALA B 201 -7.01 -21.78 3.15
C ALA B 201 -8.46 -21.32 3.00
N ILE B 202 -8.92 -20.51 3.97
CA ILE B 202 -10.16 -19.76 3.85
C ILE B 202 -9.85 -18.36 3.34
N VAL B 203 -10.65 -17.90 2.37
CA VAL B 203 -10.36 -16.63 1.74
C VAL B 203 -11.58 -15.71 1.84
N TRP B 204 -11.37 -14.60 2.56
CA TRP B 204 -12.41 -13.64 2.86
C TRP B 204 -12.10 -12.37 2.09
N LYS B 205 -13.09 -11.92 1.28
CA LYS B 205 -12.95 -10.78 0.39
C LYS B 205 -14.00 -9.71 0.68
N ILE B 206 -13.55 -8.44 0.64
CA ILE B 206 -14.34 -7.24 0.94
C ILE B 206 -14.05 -6.16 -0.11
N LYS B 207 -15.10 -5.62 -0.74
CA LYS B 207 -14.92 -4.67 -1.84
C LYS B 207 -14.39 -3.35 -1.28
N ARG B 208 -14.98 -2.81 -0.20
CA ARG B 208 -14.49 -1.55 0.36
C ARG B 208 -14.72 -1.47 1.88
N MET B 209 -13.89 -0.68 2.57
CA MET B 209 -14.05 -0.49 4.01
C MET B 209 -13.33 0.78 4.45
N ALA B 210 -14.00 1.56 5.32
CA ALA B 210 -13.61 2.90 5.70
C ALA B 210 -12.72 2.92 6.94
N GLY B 211 -12.04 4.06 7.13
CA GLY B 211 -11.17 4.29 8.28
C GLY B 211 -11.90 4.14 9.61
N MET B 212 -11.14 3.67 10.60
CA MET B 212 -11.59 3.46 11.98
C MET B 212 -12.87 2.63 12.00
N LYS B 213 -12.79 1.38 11.52
CA LYS B 213 -13.91 0.46 11.64
C LYS B 213 -13.42 -0.92 12.09
N GLU B 214 -14.36 -1.85 12.28
CA GLU B 214 -14.13 -3.19 12.79
C GLU B 214 -15.01 -4.21 12.05
N SER B 215 -14.42 -5.36 11.70
CA SER B 215 -15.18 -6.45 11.10
C SER B 215 -14.59 -7.77 11.59
N GLN B 216 -15.46 -8.79 11.64
CA GLN B 216 -15.08 -10.11 12.12
C GLN B 216 -15.67 -11.22 11.27
N ILE B 217 -14.94 -12.35 11.24
CA ILE B 217 -15.36 -13.59 10.61
C ILE B 217 -15.25 -14.67 11.68
N SER B 218 -16.17 -15.66 11.65
CA SER B 218 -16.04 -16.88 12.45
C SER B 218 -16.00 -18.09 11.52
N ALA B 219 -15.19 -19.10 11.88
CA ALA B 219 -15.13 -20.33 11.10
C ALA B 219 -15.02 -21.49 12.05
N GLU B 220 -15.71 -22.59 11.71
CA GLU B 220 -15.59 -23.87 12.41
C GLU B 220 -14.99 -24.86 11.42
N ILE B 221 -13.85 -25.43 11.81
CA ILE B 221 -13.07 -26.30 10.94
C ILE B 221 -13.18 -27.73 11.44
N GLU B 222 -13.77 -28.59 10.59
CA GLU B 222 -14.06 -29.98 10.94
C GLU B 222 -12.84 -30.84 10.57
N LEU B 223 -12.33 -31.61 11.54
CA LEU B 223 -11.07 -32.33 11.36
C LEU B 223 -11.27 -33.83 11.08
N LEU B 224 -10.42 -34.40 10.23
CA LEU B 224 -10.20 -35.84 10.12
C LEU B 224 -9.23 -36.26 11.22
N PRO B 225 -9.23 -37.55 11.62
CA PRO B 225 -8.22 -38.02 12.58
C PRO B 225 -6.88 -38.17 11.88
N THR B 226 -5.82 -38.14 12.69
CA THR B 226 -4.50 -37.85 12.15
C THR B 226 -3.45 -38.49 13.05
N ASN B 227 -2.20 -38.25 12.66
CA ASN B 227 -1.07 -39.09 12.99
C ASN B 227 -0.56 -38.84 14.41
N ASP B 228 -1.36 -38.14 15.25
CA ASP B 228 -1.35 -38.30 16.70
C ASP B 228 -0.26 -37.39 17.29
N LYS B 229 0.99 -37.63 16.87
CA LYS B 229 2.12 -36.76 17.18
C LYS B 229 2.45 -35.96 15.91
N LYS B 230 1.40 -35.39 15.31
CA LYS B 230 1.53 -34.29 14.35
C LYS B 230 0.88 -33.06 14.96
N LYS B 231 1.68 -32.19 15.60
CA LYS B 231 1.23 -30.87 16.04
C LYS B 231 1.10 -30.01 14.78
N TRP B 232 0.06 -29.15 14.74
CA TRP B 232 -0.11 -28.24 13.62
C TRP B 232 0.85 -27.06 13.80
N ALA B 233 1.67 -26.80 12.77
CA ALA B 233 2.44 -25.57 12.69
C ALA B 233 1.58 -24.47 12.07
N ARG B 234 0.91 -23.66 12.92
CA ARG B 234 -0.07 -22.66 12.48
C ARG B 234 0.61 -21.56 11.66
N PRO B 235 0.57 -21.56 10.31
CA PRO B 235 1.13 -20.46 9.54
C PRO B 235 0.38 -19.13 9.76
N PRO B 236 0.94 -17.99 9.31
CA PRO B 236 0.35 -16.68 9.57
C PRO B 236 -0.93 -16.45 8.79
N ILE B 237 -1.73 -15.54 9.32
CA ILE B 237 -2.86 -14.98 8.61
C ILE B 237 -2.30 -13.82 7.80
N SER B 238 -2.65 -13.75 6.51
CA SER B 238 -2.06 -12.69 5.68
C SER B 238 -3.17 -11.88 5.01
N MET B 239 -2.87 -10.63 4.65
CA MET B 239 -3.88 -9.72 4.14
C MET B 239 -3.46 -9.15 2.79
N ASN B 240 -4.43 -8.74 1.97
CA ASN B 240 -4.17 -7.83 0.86
C ASN B 240 -5.17 -6.70 0.91
N PHE B 241 -4.70 -5.54 0.45
CA PHE B 241 -5.49 -4.32 0.42
C PHE B 241 -4.82 -3.28 -0.47
N GLU B 242 -5.62 -2.26 -0.85
CA GLU B 242 -5.13 -1.02 -1.43
C GLU B 242 -5.70 0.19 -0.68
N VAL B 243 -4.84 1.15 -0.32
CA VAL B 243 -5.29 2.37 0.34
C VAL B 243 -4.83 3.61 -0.43
N PRO B 244 -5.63 4.70 -0.40
CA PRO B 244 -5.25 5.97 -1.06
C PRO B 244 -4.42 6.95 -0.25
N PHE B 245 -3.48 6.47 0.56
CA PHE B 245 -2.48 7.35 1.14
C PHE B 245 -1.15 6.59 1.17
N ALA B 246 -0.05 7.29 1.45
CA ALA B 246 1.26 6.67 1.61
C ALA B 246 1.45 6.20 3.04
N PRO B 247 1.49 4.89 3.29
CA PRO B 247 1.81 4.36 4.63
C PRO B 247 3.08 4.90 5.30
N SER B 248 4.03 5.43 4.51
CA SER B 248 5.31 5.91 5.03
C SER B 248 5.13 7.22 5.79
N GLY B 249 4.03 7.93 5.50
CA GLY B 249 3.78 9.25 6.04
C GLY B 249 4.05 10.34 5.01
N LEU B 250 4.66 9.96 3.88
CA LEU B 250 5.19 10.90 2.91
C LEU B 250 4.05 11.67 2.26
N LYS B 251 4.35 12.90 1.87
CA LYS B 251 3.32 13.83 1.48
C LYS B 251 3.94 14.94 0.62
N VAL B 252 3.27 15.33 -0.46
CA VAL B 252 3.86 16.21 -1.45
C VAL B 252 3.58 17.65 -1.02
N ARG B 253 4.64 18.49 -1.02
CA ARG B 253 4.57 19.82 -0.43
C ARG B 253 4.68 20.92 -1.49
N TYR B 254 5.50 20.74 -2.53
CA TYR B 254 5.37 21.60 -3.70
C TYR B 254 5.83 20.86 -4.96
N LEU B 255 5.25 21.23 -6.09
CA LEU B 255 5.84 20.96 -7.40
C LEU B 255 5.77 22.23 -8.24
N LYS B 256 6.94 22.83 -8.50
CA LYS B 256 7.03 24.18 -9.04
C LYS B 256 7.61 24.06 -10.44
N VAL B 257 6.99 24.77 -11.39
CA VAL B 257 7.43 24.78 -12.78
C VAL B 257 7.76 26.22 -13.19
N PHE B 258 8.93 26.36 -13.82
CA PHE B 258 9.50 27.62 -14.25
C PHE B 258 10.09 27.38 -15.63
N GLU B 259 9.66 28.20 -16.62
CA GLU B 259 10.29 28.22 -17.93
C GLU B 259 10.46 29.68 -18.35
N PRO B 260 11.72 30.09 -18.59
CA PRO B 260 12.07 31.52 -18.62
C PRO B 260 11.89 32.11 -20.03
N LYS B 261 12.28 31.35 -21.07
CA LYS B 261 12.06 31.69 -22.46
C LYS B 261 10.57 31.90 -22.78
N LEU B 262 9.67 30.97 -22.38
CA LEU B 262 8.26 30.96 -22.78
C LEU B 262 7.37 31.60 -21.72
N ASN B 263 6.12 31.87 -22.16
CA ASN B 263 5.27 32.94 -21.64
C ASN B 263 4.13 32.39 -20.77
N TYR B 264 4.41 31.21 -20.16
CA TYR B 264 3.58 30.64 -19.12
C TYR B 264 4.39 30.54 -17.83
N SER B 265 3.71 30.86 -16.73
CA SER B 265 4.26 30.81 -15.38
C SER B 265 3.82 29.51 -14.68
N ASP B 266 4.10 29.45 -13.38
CA ASP B 266 3.75 28.32 -12.56
C ASP B 266 2.23 28.21 -12.46
N HIS B 267 1.58 29.35 -12.15
CA HIS B 267 0.13 29.41 -11.93
C HIS B 267 -0.62 28.91 -13.17
N ASP B 268 0.06 28.76 -14.30
CA ASP B 268 -0.68 28.37 -15.50
C ASP B 268 -0.81 26.84 -15.58
N VAL B 269 0.03 26.11 -14.84
CA VAL B 269 0.13 24.67 -14.96
C VAL B 269 -0.98 24.02 -14.13
N ILE B 270 -1.57 22.93 -14.66
CA ILE B 270 -2.62 22.20 -13.97
C ILE B 270 -2.00 20.94 -13.35
N LYS B 271 -2.11 20.81 -12.02
CA LYS B 271 -1.34 19.83 -11.27
C LYS B 271 -2.22 18.86 -10.48
N TRP B 272 -1.77 17.61 -10.35
CA TRP B 272 -2.59 16.56 -9.74
C TRP B 272 -1.72 15.58 -8.99
N VAL B 273 -2.18 15.12 -7.82
CA VAL B 273 -1.42 14.12 -7.11
C VAL B 273 -2.35 12.96 -6.76
N ARG B 274 -1.78 11.75 -6.71
CA ARG B 274 -2.46 10.63 -6.08
C ARG B 274 -1.47 9.71 -5.38
N TYR B 275 -1.97 9.03 -4.35
CA TYR B 275 -1.22 8.03 -3.60
C TYR B 275 -1.85 6.65 -3.77
N ILE B 276 -1.02 5.62 -3.95
CA ILE B 276 -1.54 4.25 -3.99
C ILE B 276 -0.59 3.40 -3.16
N GLY B 277 -1.11 2.99 -2.01
CA GLY B 277 -0.39 2.17 -1.05
C GLY B 277 -1.02 0.79 -1.05
N ARG B 278 -0.17 -0.24 -1.21
CA ARG B 278 -0.63 -1.60 -1.39
C ARG B 278 0.17 -2.52 -0.47
N SER B 279 -0.47 -3.62 -0.07
CA SER B 279 0.22 -4.64 0.70
C SER B 279 1.34 -5.25 -0.11
N GLY B 280 2.47 -5.48 0.56
CA GLY B 280 3.41 -6.53 0.20
C GLY B 280 3.12 -7.81 0.99
N ILE B 281 4.15 -8.24 1.71
CA ILE B 281 4.05 -9.21 2.77
C ILE B 281 3.45 -8.56 4.02
N TYR B 282 2.31 -9.05 4.48
CA TYR B 282 1.57 -8.51 5.61
C TYR B 282 1.02 -9.67 6.44
N GLU B 283 1.93 -10.27 7.22
CA GLU B 283 1.70 -11.49 7.94
C GLU B 283 1.53 -11.20 9.43
N THR B 284 0.49 -11.81 9.99
CA THR B 284 0.20 -11.70 11.41
C THR B 284 0.16 -13.12 11.98
N ARG B 285 1.05 -13.44 12.95
CA ARG B 285 1.17 -14.84 13.37
C ARG B 285 0.13 -15.14 14.45
N CYS B 286 -0.57 -16.28 14.31
CA CYS B 286 -1.54 -16.71 15.32
C CYS B 286 -0.88 -17.66 16.36
#